data_5DZ1
#
_entry.id   5DZ1
#
_cell.length_a   54.316
_cell.length_b   80.973
_cell.length_c   58.223
_cell.angle_alpha   90.000
_cell.angle_beta   110.560
_cell.angle_gamma   90.000
#
_symmetry.space_group_name_H-M   'P 1 21 1'
#
loop_
_entity.id
_entity.type
_entity.pdbx_description
1 polymer 'Estrogen receptor'
2 polymer 'Nuclear receptor coactivator 2'
3 non-polymer "4,4'-[(4-ethylcyclohexylidene)methanediyl]diphenol"
4 water water
#
loop_
_entity_poly.entity_id
_entity_poly.type
_entity_poly.pdbx_seq_one_letter_code
_entity_poly.pdbx_strand_id
1 'polypeptide(L)'
;IKRSKKNSLALSLTADQMVSALLDAEPPILYSEYDPTRPFSEASMMGLLTNLADRELVHMINWAKRVPGFVDLTLHDQVH
LLECAWLEILMIGLVWRSMEHPGKLLFAPNLLLDRNQGKCVEGMVEIFDMLLATSSRFRMMNLQGEEFVCLKSIILLNSG
VYTFLSSTLKSLEEKDHIHRVLDKITDTLIHLMAKAGLTLQQQHQRLAQLLLILSHIRHMSNKGMEHLYSMKCKNVVPLS
DLLLEMLDAHRLHAPTS
;
A,B
2 'polypeptide(L)' KHKILHRLLQDSSS C,D
#
# COMPACT_ATOMS: atom_id res chain seq x y z
N LYS A 6 13.79 20.39 -20.96
CA LYS A 6 13.03 20.37 -19.72
C LYS A 6 11.74 19.57 -19.87
N ASN A 7 11.12 19.65 -21.04
CA ASN A 7 9.88 18.92 -21.31
C ASN A 7 10.11 17.45 -21.60
N SER A 8 9.27 16.60 -21.03
CA SER A 8 9.42 15.15 -21.17
C SER A 8 8.68 14.60 -22.39
N LEU A 9 9.30 13.64 -23.06
CA LEU A 9 8.70 12.99 -24.22
C LEU A 9 7.48 12.15 -23.82
N ALA A 10 7.49 11.66 -22.59
CA ALA A 10 6.45 10.79 -22.07
C ALA A 10 5.05 11.37 -22.23
N LEU A 11 4.91 12.65 -21.91
CA LEU A 11 3.60 13.31 -21.97
C LEU A 11 3.12 13.50 -23.40
N SER A 12 4.06 13.59 -24.34
CA SER A 12 3.73 13.82 -25.74
C SER A 12 3.33 12.53 -26.47
N LEU A 13 3.51 11.40 -25.79
CA LEU A 13 3.14 10.10 -26.36
C LEU A 13 1.63 9.92 -26.38
N THR A 14 1.12 9.21 -27.39
CA THR A 14 -0.28 8.83 -27.41
C THR A 14 -0.47 7.60 -26.53
N ALA A 15 -1.73 7.22 -26.33
CA ALA A 15 -2.04 6.09 -25.46
C ALA A 15 -1.48 4.78 -26.02
N ASP A 16 -1.67 4.56 -27.31
CA ASP A 16 -1.15 3.38 -27.97
C ASP A 16 0.36 3.38 -28.00
N GLN A 17 0.95 4.58 -28.10
CA GLN A 17 2.41 4.72 -28.06
C GLN A 17 2.94 4.38 -26.68
N MET A 18 2.21 4.80 -25.64
CA MET A 18 2.59 4.49 -24.27
C MET A 18 2.54 2.97 -24.04
N VAL A 19 1.46 2.34 -24.48
CA VAL A 19 1.30 0.89 -24.40
C VAL A 19 2.45 0.14 -25.09
N SER A 20 2.76 0.54 -26.31
CA SER A 20 3.81 -0.13 -27.08
C SER A 20 5.17 0.04 -26.43
N ALA A 21 5.45 1.24 -25.93
CA ALA A 21 6.70 1.53 -25.25
C ALA A 21 6.88 0.64 -24.02
N LEU A 22 5.80 0.45 -23.27
CA LEU A 22 5.85 -0.38 -22.06
C LEU A 22 5.95 -1.86 -22.40
N LEU A 23 5.20 -2.31 -23.40
CA LEU A 23 5.28 -3.69 -23.84
C LEU A 23 6.69 -4.03 -24.32
N ASP A 24 7.29 -3.10 -25.06
CA ASP A 24 8.63 -3.30 -25.61
C ASP A 24 9.72 -3.23 -24.54
N ALA A 25 9.41 -2.57 -23.42
CA ALA A 25 10.37 -2.42 -22.34
C ALA A 25 10.42 -3.65 -21.44
N GLU A 26 9.42 -4.52 -21.58
CA GLU A 26 9.25 -5.69 -20.73
C GLU A 26 10.51 -6.52 -20.58
N PRO A 27 10.86 -6.86 -19.34
CA PRO A 27 11.96 -7.79 -19.09
C PRO A 27 11.54 -9.20 -19.45
N PRO A 28 12.51 -10.10 -19.70
CA PRO A 28 12.16 -11.49 -19.98
C PRO A 28 11.84 -12.30 -18.73
N ILE A 29 11.10 -13.38 -18.90
CA ILE A 29 10.87 -14.34 -17.83
C ILE A 29 12.11 -15.21 -17.67
N LEU A 30 12.82 -15.07 -16.55
CA LEU A 30 14.06 -15.80 -16.34
C LEU A 30 13.82 -17.19 -15.77
N TYR A 31 14.80 -18.07 -15.92
CA TYR A 31 14.72 -19.41 -15.35
C TYR A 31 15.52 -19.51 -14.07
N SER A 32 15.16 -20.49 -13.24
CA SER A 32 15.93 -20.82 -12.04
C SER A 32 16.97 -21.87 -12.38
N GLU A 33 17.73 -22.29 -11.37
CA GLU A 33 18.68 -23.38 -11.53
C GLU A 33 17.98 -24.64 -11.99
N TYR A 34 18.65 -25.40 -12.85
CA TYR A 34 18.05 -26.59 -13.42
C TYR A 34 18.29 -27.84 -12.55
N ASP A 35 18.63 -27.62 -11.28
CA ASP A 35 18.66 -28.71 -10.31
C ASP A 35 17.22 -29.16 -10.06
N PRO A 36 16.93 -30.44 -10.30
CA PRO A 36 15.57 -30.98 -10.30
C PRO A 36 14.88 -30.92 -8.94
N THR A 37 15.64 -30.74 -7.87
CA THR A 37 15.12 -30.88 -6.52
C THR A 37 14.03 -29.88 -6.17
N ARG A 38 12.93 -30.40 -5.61
CA ARG A 38 11.89 -29.57 -5.01
C ARG A 38 12.45 -28.93 -3.75
N PRO A 39 12.58 -27.59 -3.75
CA PRO A 39 13.15 -26.91 -2.59
C PRO A 39 12.22 -26.92 -1.37
N PHE A 40 12.71 -27.45 -0.25
CA PHE A 40 11.96 -27.45 1.00
C PHE A 40 12.76 -26.79 2.12
N SER A 41 14.07 -26.99 2.08
CA SER A 41 14.99 -26.37 3.03
C SER A 41 14.93 -24.85 2.94
N GLU A 42 15.22 -24.19 4.04
CA GLU A 42 15.25 -22.73 4.08
C GLU A 42 16.37 -22.20 3.19
N ALA A 43 17.53 -22.86 3.27
CA ALA A 43 18.69 -22.44 2.51
C ALA A 43 18.51 -22.67 1.01
N SER A 44 17.94 -23.82 0.67
CA SER A 44 17.78 -24.19 -0.74
C SER A 44 16.80 -23.28 -1.44
N MET A 45 15.66 -23.03 -0.82
CA MET A 45 14.60 -22.23 -1.42
C MET A 45 15.00 -20.76 -1.53
N MET A 46 15.49 -20.20 -0.43
CA MET A 46 15.92 -18.81 -0.44
C MET A 46 17.17 -18.64 -1.30
N GLY A 47 17.97 -19.70 -1.40
CA GLY A 47 19.11 -19.71 -2.29
C GLY A 47 18.68 -19.52 -3.74
N LEU A 48 17.64 -20.26 -4.13
CA LEU A 48 17.10 -20.18 -5.48
C LEU A 48 16.42 -18.83 -5.75
N LEU A 49 15.71 -18.32 -4.74
CA LEU A 49 14.97 -17.08 -4.90
C LEU A 49 15.90 -15.88 -4.95
N THR A 50 16.95 -15.91 -4.13
CA THR A 50 17.94 -14.83 -4.11
C THR A 50 18.66 -14.75 -5.45
N ASN A 51 19.11 -15.89 -5.96
CA ASN A 51 19.81 -15.96 -7.25
C ASN A 51 18.92 -15.45 -8.38
N LEU A 52 17.66 -15.87 -8.37
CA LEU A 52 16.68 -15.44 -9.37
C LEU A 52 16.44 -13.93 -9.31
N ALA A 53 16.13 -13.44 -8.12
CA ALA A 53 15.83 -12.02 -7.93
C ALA A 53 17.01 -11.14 -8.31
N ASP A 54 18.22 -11.62 -8.02
CA ASP A 54 19.42 -10.88 -8.34
C ASP A 54 19.56 -10.66 -9.84
N ARG A 55 19.28 -11.70 -10.63
CA ARG A 55 19.35 -11.60 -12.09
C ARG A 55 18.19 -10.77 -12.64
N GLU A 56 17.03 -10.90 -12.03
CA GLU A 56 15.86 -10.10 -12.42
C GLU A 56 16.11 -8.62 -12.21
N LEU A 57 16.84 -8.28 -11.15
CA LEU A 57 17.10 -6.89 -10.81
C LEU A 57 17.87 -6.16 -11.91
N VAL A 58 18.83 -6.84 -12.51
CA VAL A 58 19.61 -6.25 -13.60
C VAL A 58 18.71 -5.94 -14.80
N HIS A 59 17.75 -6.82 -15.07
CA HIS A 59 16.77 -6.57 -16.12
C HIS A 59 15.80 -5.46 -15.72
N MET A 60 15.43 -5.43 -14.45
CA MET A 60 14.51 -4.39 -13.95
C MET A 60 15.09 -3.00 -14.13
N ILE A 61 16.36 -2.84 -13.77
CA ILE A 61 17.04 -1.55 -13.88
C ILE A 61 17.05 -1.05 -15.33
N ASN A 62 17.30 -1.96 -16.26
CA ASN A 62 17.32 -1.59 -17.66
C ASN A 62 15.90 -1.45 -18.23
N TRP A 63 14.94 -2.12 -17.60
CA TRP A 63 13.54 -1.91 -17.91
C TRP A 63 13.08 -0.52 -17.48
N ALA A 64 13.45 -0.13 -16.25
CA ALA A 64 13.03 1.15 -15.68
C ALA A 64 13.46 2.34 -16.55
N LYS A 65 14.66 2.24 -17.12
CA LYS A 65 15.18 3.29 -17.98
C LYS A 65 14.37 3.42 -19.27
N ARG A 66 13.58 2.39 -19.60
CA ARG A 66 12.76 2.42 -20.79
C ARG A 66 11.30 2.77 -20.48
N VAL A 67 11.02 3.01 -19.21
CA VAL A 67 9.72 3.52 -18.80
C VAL A 67 9.67 5.03 -19.08
N PRO A 68 8.72 5.46 -19.92
CA PRO A 68 8.61 6.88 -20.30
C PRO A 68 8.52 7.81 -19.09
N GLY A 69 9.40 8.81 -19.03
CA GLY A 69 9.41 9.76 -17.94
C GLY A 69 10.48 9.48 -16.90
N PHE A 70 10.90 8.22 -16.80
CA PHE A 70 11.83 7.80 -15.76
C PHE A 70 13.23 8.39 -15.96
N VAL A 71 13.74 8.32 -17.19
CA VAL A 71 15.07 8.84 -17.49
C VAL A 71 15.13 10.36 -17.45
N ASP A 72 13.96 11.00 -17.44
CA ASP A 72 13.88 12.46 -17.34
C ASP A 72 14.18 12.90 -15.92
N LEU A 73 14.15 11.96 -14.99
CA LEU A 73 14.48 12.24 -13.60
C LEU A 73 15.99 12.26 -13.41
N THR A 74 16.45 12.95 -12.37
CA THR A 74 17.86 12.90 -12.01
C THR A 74 18.25 11.47 -11.62
N LEU A 75 19.54 11.19 -11.68
CA LEU A 75 20.04 9.85 -11.35
C LEU A 75 19.69 9.46 -9.92
N HIS A 76 19.75 10.42 -9.01
CA HIS A 76 19.48 10.16 -7.60
C HIS A 76 18.00 9.85 -7.36
N ASP A 77 17.13 10.50 -8.12
CA ASP A 77 15.69 10.21 -8.03
C ASP A 77 15.40 8.82 -8.58
N GLN A 78 16.06 8.47 -9.68
CA GLN A 78 15.94 7.13 -10.26
C GLN A 78 16.38 6.09 -9.24
N VAL A 79 17.52 6.32 -8.60
CA VAL A 79 18.02 5.44 -7.55
C VAL A 79 16.99 5.28 -6.43
N HIS A 80 16.44 6.40 -5.99
CA HIS A 80 15.46 6.41 -4.91
C HIS A 80 14.22 5.58 -5.25
N LEU A 81 13.66 5.80 -6.43
CA LEU A 81 12.43 5.10 -6.83
C LEU A 81 12.66 3.60 -6.98
N LEU A 82 13.83 3.21 -7.45
CA LEU A 82 14.14 1.79 -7.63
C LEU A 82 14.38 1.11 -6.29
N GLU A 83 15.07 1.77 -5.39
CA GLU A 83 15.31 1.25 -4.05
C GLU A 83 14.00 1.05 -3.30
N CYS A 84 13.05 1.94 -3.56
CA CYS A 84 11.77 1.92 -2.87
C CYS A 84 10.85 0.82 -3.40
N ALA A 85 10.88 0.60 -4.71
CA ALA A 85 9.84 -0.20 -5.36
C ALA A 85 10.27 -1.57 -5.84
N TRP A 86 11.55 -1.90 -5.73
CA TRP A 86 12.08 -3.08 -6.41
C TRP A 86 11.37 -4.38 -6.02
N LEU A 87 11.09 -4.57 -4.74
CA LEU A 87 10.42 -5.78 -4.30
C LEU A 87 8.95 -5.77 -4.73
N GLU A 88 8.33 -4.60 -4.73
CA GLU A 88 6.98 -4.46 -5.27
C GLU A 88 6.91 -4.89 -6.73
N ILE A 89 7.91 -4.46 -7.50
CA ILE A 89 7.96 -4.74 -8.92
C ILE A 89 8.21 -6.23 -9.17
N LEU A 90 9.11 -6.82 -8.39
CA LEU A 90 9.35 -8.26 -8.47
C LEU A 90 8.09 -9.05 -8.17
N MET A 91 7.39 -8.65 -7.12
CA MET A 91 6.20 -9.37 -6.65
C MET A 91 5.03 -9.30 -7.61
N ILE A 92 4.78 -8.14 -8.21
CA ILE A 92 3.65 -8.03 -9.14
C ILE A 92 3.97 -8.81 -10.42
N GLY A 93 5.25 -8.90 -10.77
CA GLY A 93 5.68 -9.75 -11.86
C GLY A 93 5.43 -11.20 -11.54
N LEU A 94 5.78 -11.59 -10.32
CA LEU A 94 5.56 -12.96 -9.85
C LEU A 94 4.09 -13.32 -9.85
N VAL A 95 3.29 -12.41 -9.32
CA VAL A 95 1.84 -12.59 -9.24
C VAL A 95 1.22 -12.70 -10.64
N TRP A 96 1.68 -11.86 -11.56
CA TRP A 96 1.19 -11.87 -12.93
C TRP A 96 1.41 -13.20 -13.64
N ARG A 97 2.65 -13.70 -13.63
CA ARG A 97 2.95 -14.94 -14.35
C ARG A 97 2.47 -16.17 -13.60
N SER A 98 1.91 -15.97 -12.41
CA SER A 98 1.35 -17.06 -11.62
C SER A 98 -0.15 -17.18 -11.80
N MET A 99 -0.73 -16.31 -12.62
CA MET A 99 -2.18 -16.24 -12.80
C MET A 99 -2.79 -17.55 -13.27
N GLU A 100 -2.18 -18.15 -14.29
CA GLU A 100 -2.75 -19.35 -14.89
C GLU A 100 -2.32 -20.60 -14.13
N HIS A 101 -1.84 -20.40 -12.90
CA HIS A 101 -1.45 -21.51 -12.02
C HIS A 101 -2.01 -21.31 -10.62
N PRO A 102 -3.32 -21.50 -10.45
CA PRO A 102 -4.01 -21.29 -9.17
C PRO A 102 -3.41 -22.14 -8.04
N GLY A 103 -3.20 -21.53 -6.89
CA GLY A 103 -2.64 -22.24 -5.75
C GLY A 103 -1.14 -22.38 -5.80
N LYS A 104 -0.53 -21.90 -6.87
CA LYS A 104 0.91 -21.99 -7.06
C LYS A 104 1.53 -20.63 -7.36
N LEU A 105 2.85 -20.53 -7.14
CA LEU A 105 3.59 -19.34 -7.53
C LEU A 105 4.68 -19.71 -8.53
N LEU A 106 4.57 -19.17 -9.73
CA LEU A 106 5.54 -19.43 -10.79
C LEU A 106 6.70 -18.44 -10.70
N PHE A 107 7.64 -18.72 -9.81
CA PHE A 107 8.84 -17.89 -9.70
C PHE A 107 9.62 -17.96 -11.00
N ALA A 108 9.63 -19.13 -11.61
CA ALA A 108 10.26 -19.37 -12.89
C ALA A 108 9.52 -20.51 -13.58
N PRO A 109 9.60 -20.59 -14.92
CA PRO A 109 8.96 -21.70 -15.64
C PRO A 109 9.38 -23.06 -15.11
N ASN A 110 10.62 -23.17 -14.63
CA ASN A 110 11.11 -24.41 -14.04
C ASN A 110 11.13 -24.35 -12.51
N LEU A 111 10.38 -23.42 -11.93
CA LEU A 111 10.28 -23.31 -10.47
C LEU A 111 8.89 -22.86 -10.03
N LEU A 112 7.98 -23.83 -9.91
CA LEU A 112 6.66 -23.57 -9.36
C LEU A 112 6.58 -24.06 -7.92
N LEU A 113 6.25 -23.15 -7.01
CA LEU A 113 6.13 -23.49 -5.59
C LEU A 113 4.68 -23.45 -5.14
N ASP A 114 4.32 -24.34 -4.21
CA ASP A 114 3.00 -24.30 -3.60
C ASP A 114 3.11 -23.89 -2.14
N ARG A 115 1.97 -23.81 -1.45
CA ARG A 115 1.92 -23.40 -0.07
C ARG A 115 2.70 -24.36 0.85
N ASN A 116 2.72 -25.63 0.47
CA ASN A 116 3.38 -26.65 1.27
C ASN A 116 4.88 -26.41 1.39
N GLN A 117 5.49 -25.95 0.31
CA GLN A 117 6.89 -25.55 0.33
C GLN A 117 7.02 -24.19 0.99
N GLY A 118 5.92 -23.44 1.01
CA GLY A 118 5.88 -22.14 1.63
C GLY A 118 5.96 -22.20 3.13
N LYS A 119 5.75 -23.39 3.69
CA LYS A 119 5.91 -23.60 5.12
C LYS A 119 7.39 -23.75 5.47
N CYS A 120 7.68 -24.66 6.39
CA CYS A 120 9.05 -25.05 6.74
C CYS A 120 9.91 -23.91 7.31
N VAL A 121 9.58 -22.67 6.96
CA VAL A 121 10.32 -21.50 7.43
C VAL A 121 9.37 -20.49 8.06
N GLU A 122 9.70 -20.04 9.26
CA GLU A 122 8.88 -19.07 9.98
C GLU A 122 8.88 -17.71 9.30
N GLY A 123 7.75 -17.33 8.72
CA GLY A 123 7.60 -16.00 8.15
C GLY A 123 7.28 -15.98 6.66
N MET A 124 7.20 -17.15 6.03
CA MET A 124 6.97 -17.22 4.60
C MET A 124 5.50 -17.42 4.24
N VAL A 125 4.88 -18.43 4.85
CA VAL A 125 3.56 -18.88 4.43
C VAL A 125 2.52 -17.77 4.52
N GLU A 126 2.73 -16.80 5.40
CA GLU A 126 1.85 -15.65 5.50
C GLU A 126 1.97 -14.81 4.23
N ILE A 127 3.20 -14.50 3.86
CA ILE A 127 3.48 -13.70 2.67
C ILE A 127 3.14 -14.51 1.40
N PHE A 128 3.43 -15.81 1.46
CA PHE A 128 3.10 -16.73 0.39
C PHE A 128 1.60 -16.73 0.09
N ASP A 129 0.79 -16.84 1.15
CA ASP A 129 -0.67 -16.83 1.00
C ASP A 129 -1.18 -15.52 0.41
N MET A 130 -0.53 -14.42 0.79
CA MET A 130 -0.90 -13.11 0.26
C MET A 130 -0.60 -13.01 -1.22
N LEU A 131 0.54 -13.55 -1.63
CA LEU A 131 0.92 -13.55 -3.04
C LEU A 131 -0.09 -14.37 -3.85
N LEU A 132 -0.50 -15.52 -3.31
CA LEU A 132 -1.50 -16.37 -3.96
C LEU A 132 -2.84 -15.67 -4.12
N ALA A 133 -3.30 -15.00 -3.07
CA ALA A 133 -4.58 -14.29 -3.09
C ALA A 133 -4.58 -13.18 -4.14
N THR A 134 -3.44 -12.49 -4.25
CA THR A 134 -3.29 -11.42 -5.23
C THR A 134 -3.31 -11.98 -6.64
N SER A 135 -2.66 -13.13 -6.82
CA SER A 135 -2.65 -13.80 -8.11
C SER A 135 -4.07 -14.22 -8.50
N SER A 136 -4.77 -14.81 -7.55
CA SER A 136 -6.14 -15.26 -7.77
C SER A 136 -7.06 -14.08 -8.09
N ARG A 137 -6.81 -12.96 -7.44
CA ARG A 137 -7.59 -11.74 -7.66
C ARG A 137 -7.39 -11.20 -9.07
N PHE A 138 -6.14 -11.14 -9.52
CA PHE A 138 -5.81 -10.72 -10.89
C PHE A 138 -6.45 -11.65 -11.91
N ARG A 139 -6.48 -12.94 -11.60
CA ARG A 139 -7.06 -13.93 -12.50
C ARG A 139 -8.56 -13.73 -12.66
N MET A 140 -9.26 -13.47 -11.55
CA MET A 140 -10.71 -13.31 -11.59
C MET A 140 -11.14 -12.02 -12.28
N MET A 141 -10.24 -11.03 -12.31
CA MET A 141 -10.51 -9.78 -13.00
C MET A 141 -10.14 -9.86 -14.48
N ASN A 142 -9.51 -10.97 -14.86
CA ASN A 142 -8.99 -11.15 -16.21
C ASN A 142 -8.04 -10.02 -16.59
N LEU A 143 -7.09 -9.73 -15.71
CA LEU A 143 -6.06 -8.73 -15.95
C LEU A 143 -5.34 -9.00 -17.28
N GLN A 144 -5.26 -7.98 -18.12
CA GLN A 144 -4.57 -8.10 -19.40
C GLN A 144 -3.12 -7.64 -19.29
N GLY A 145 -2.27 -8.16 -20.18
CA GLY A 145 -0.86 -7.81 -20.18
C GLY A 145 -0.61 -6.32 -20.33
N GLU A 146 -1.47 -5.66 -21.09
CA GLU A 146 -1.37 -4.22 -21.31
C GLU A 146 -1.70 -3.45 -20.03
N GLU A 147 -2.63 -3.98 -19.25
CA GLU A 147 -2.97 -3.38 -17.96
C GLU A 147 -1.83 -3.62 -16.97
N PHE A 148 -1.30 -4.83 -16.97
CA PHE A 148 -0.20 -5.21 -16.07
C PHE A 148 1.01 -4.29 -16.19
N VAL A 149 1.45 -4.00 -17.42
CA VAL A 149 2.62 -3.16 -17.61
C VAL A 149 2.35 -1.71 -17.18
N CYS A 150 1.09 -1.30 -17.24
CA CYS A 150 0.72 0.03 -16.76
C CYS A 150 0.83 0.10 -15.24
N LEU A 151 0.29 -0.92 -14.56
CA LEU A 151 0.34 -1.00 -13.10
C LEU A 151 1.75 -1.06 -12.56
N LYS A 152 2.59 -1.85 -13.23
CA LYS A 152 3.97 -2.02 -12.81
C LYS A 152 4.73 -0.70 -12.91
N SER A 153 4.47 0.04 -13.98
CA SER A 153 5.07 1.35 -14.18
C SER A 153 4.60 2.34 -13.13
N ILE A 154 3.31 2.30 -12.80
CA ILE A 154 2.75 3.14 -11.76
C ILE A 154 3.47 2.91 -10.43
N ILE A 155 3.67 1.64 -10.09
CA ILE A 155 4.39 1.26 -8.88
C ILE A 155 5.79 1.88 -8.82
N LEU A 156 6.50 1.82 -9.95
CA LEU A 156 7.84 2.38 -10.05
C LEU A 156 7.87 3.88 -9.76
N LEU A 157 6.87 4.60 -10.26
CA LEU A 157 6.87 6.06 -10.20
C LEU A 157 6.19 6.60 -8.95
N ASN A 158 5.28 5.82 -8.38
CA ASN A 158 4.48 6.29 -7.26
C ASN A 158 5.08 5.96 -5.90
N SER A 159 5.67 4.78 -5.78
CA SER A 159 5.99 4.23 -4.46
C SER A 159 6.95 5.10 -3.64
N GLY A 160 7.87 5.78 -4.31
CA GLY A 160 8.81 6.64 -3.61
C GLY A 160 8.68 8.10 -3.99
N VAL A 161 7.50 8.49 -4.46
CA VAL A 161 7.28 9.84 -4.99
C VAL A 161 7.30 10.92 -3.88
N TYR A 162 7.25 10.49 -2.62
CA TYR A 162 7.29 11.43 -1.50
C TYR A 162 8.56 11.24 -0.66
N ASP A 176 6.23 17.39 -9.55
CA ASP A 176 5.20 17.75 -10.52
C ASP A 176 5.27 16.89 -11.77
N HIS A 177 6.49 16.57 -12.18
CA HIS A 177 6.71 15.79 -13.40
C HIS A 177 6.13 14.38 -13.28
N ILE A 178 6.48 13.69 -12.20
CA ILE A 178 6.01 12.35 -11.94
C ILE A 178 4.48 12.29 -11.89
N HIS A 179 3.89 13.31 -11.26
CA HIS A 179 2.44 13.37 -11.11
C HIS A 179 1.72 13.41 -12.45
N ARG A 180 2.27 14.15 -13.40
CA ARG A 180 1.66 14.24 -14.72
C ARG A 180 1.89 12.96 -15.52
N VAL A 181 3.04 12.33 -15.31
CA VAL A 181 3.31 11.05 -15.95
C VAL A 181 2.36 10.00 -15.39
N LEU A 182 2.14 10.04 -14.08
CA LEU A 182 1.18 9.14 -13.44
C LEU A 182 -0.23 9.35 -14.00
N ASP A 183 -0.62 10.60 -14.19
CA ASP A 183 -1.89 10.91 -14.82
C ASP A 183 -1.96 10.34 -16.23
N LYS A 184 -0.85 10.47 -16.96
CA LYS A 184 -0.77 9.95 -18.32
C LYS A 184 -1.00 8.44 -18.36
N ILE A 185 -0.42 7.72 -17.42
CA ILE A 185 -0.60 6.27 -17.36
C ILE A 185 -2.04 5.93 -16.99
N THR A 186 -2.64 6.73 -16.12
CA THR A 186 -4.05 6.58 -15.80
C THR A 186 -4.91 6.68 -17.06
N ASP A 187 -4.63 7.71 -17.88
CA ASP A 187 -5.29 7.87 -19.16
C ASP A 187 -5.12 6.61 -20.02
N THR A 188 -3.93 6.04 -19.96
CA THR A 188 -3.60 4.86 -20.77
C THR A 188 -4.39 3.64 -20.32
N LEU A 189 -4.55 3.48 -19.01
CA LEU A 189 -5.35 2.39 -18.46
C LEU A 189 -6.80 2.49 -18.90
N ILE A 190 -7.38 3.68 -18.74
CA ILE A 190 -8.74 3.95 -19.19
C ILE A 190 -8.89 3.70 -20.69
N HIS A 191 -7.92 4.17 -21.45
CA HIS A 191 -7.86 3.93 -22.89
C HIS A 191 -7.94 2.44 -23.23
N LEU A 192 -7.24 1.62 -22.44
CA LEU A 192 -7.24 0.18 -22.66
C LEU A 192 -8.60 -0.44 -22.38
N MET A 193 -9.21 -0.03 -21.27
CA MET A 193 -10.51 -0.56 -20.88
C MET A 193 -11.59 -0.13 -21.87
N ALA A 194 -11.48 1.11 -22.36
CA ALA A 194 -12.41 1.62 -23.36
C ALA A 194 -12.23 0.86 -24.67
N LYS A 195 -10.99 0.52 -25.00
CA LYS A 195 -10.72 -0.27 -26.20
C LYS A 195 -11.30 -1.67 -26.05
N ALA A 196 -11.31 -2.16 -24.81
CA ALA A 196 -11.82 -3.51 -24.53
C ALA A 196 -13.35 -3.55 -24.52
N GLY A 197 -13.98 -2.40 -24.76
CA GLY A 197 -15.42 -2.32 -24.87
C GLY A 197 -16.15 -2.13 -23.56
N LEU A 198 -15.42 -1.76 -22.52
CA LEU A 198 -16.04 -1.56 -21.20
C LEU A 198 -16.87 -0.28 -21.16
N THR A 199 -17.95 -0.30 -20.40
CA THR A 199 -18.75 0.91 -20.20
C THR A 199 -17.99 1.85 -19.29
N LEU A 200 -18.41 3.11 -19.29
CA LEU A 200 -17.78 4.14 -18.48
C LEU A 200 -17.80 3.78 -17.00
N GLN A 201 -18.93 3.21 -16.55
CA GLN A 201 -19.06 2.79 -15.16
C GLN A 201 -18.09 1.66 -14.85
N GLN A 202 -17.99 0.71 -15.76
CA GLN A 202 -17.08 -0.42 -15.61
C GLN A 202 -15.63 0.05 -15.64
N GLN A 203 -15.38 1.13 -16.36
CA GLN A 203 -14.02 1.67 -16.47
C GLN A 203 -13.51 2.20 -15.13
N HIS A 204 -14.24 3.13 -14.51
CA HIS A 204 -13.75 3.71 -13.26
C HIS A 204 -13.82 2.70 -12.11
N GLN A 205 -14.74 1.75 -12.21
CA GLN A 205 -14.81 0.69 -11.20
C GLN A 205 -13.60 -0.25 -11.30
N ARG A 206 -13.27 -0.66 -12.52
CA ARG A 206 -12.13 -1.54 -12.74
C ARG A 206 -10.82 -0.82 -12.41
N LEU A 207 -10.75 0.46 -12.75
CA LEU A 207 -9.58 1.27 -12.43
C LEU A 207 -9.34 1.30 -10.92
N ALA A 208 -10.41 1.53 -10.17
CA ALA A 208 -10.33 1.56 -8.71
C ALA A 208 -9.89 0.21 -8.15
N GLN A 209 -10.45 -0.86 -8.68
CA GLN A 209 -10.13 -2.21 -8.23
C GLN A 209 -8.65 -2.55 -8.44
N LEU A 210 -8.12 -2.17 -9.60
CA LEU A 210 -6.71 -2.40 -9.89
C LEU A 210 -5.82 -1.65 -8.93
N LEU A 211 -6.13 -0.37 -8.72
CA LEU A 211 -5.28 0.49 -7.91
C LEU A 211 -5.29 0.12 -6.42
N LEU A 212 -6.40 -0.41 -5.94
CA LEU A 212 -6.49 -0.84 -4.55
C LEU A 212 -5.60 -2.05 -4.27
N ILE A 213 -5.35 -2.85 -5.30
CA ILE A 213 -4.48 -4.02 -5.18
C ILE A 213 -3.03 -3.58 -4.98
N LEU A 214 -2.69 -2.40 -5.48
CA LEU A 214 -1.36 -1.83 -5.29
C LEU A 214 -1.05 -1.59 -3.81
N SER A 215 -2.10 -1.35 -3.02
CA SER A 215 -1.94 -1.18 -1.59
C SER A 215 -1.54 -2.49 -0.91
N HIS A 216 -2.06 -3.59 -1.43
CA HIS A 216 -1.72 -4.92 -0.92
C HIS A 216 -0.32 -5.32 -1.34
N ILE A 217 0.03 -4.97 -2.57
CA ILE A 217 1.37 -5.20 -3.09
C ILE A 217 2.39 -4.44 -2.23
N ARG A 218 2.04 -3.21 -1.86
CA ARG A 218 2.90 -2.43 -0.97
C ARG A 218 3.09 -3.13 0.37
N HIS A 219 1.99 -3.64 0.91
CA HIS A 219 2.00 -4.35 2.18
C HIS A 219 2.86 -5.60 2.10
N MET A 220 2.69 -6.37 1.02
CA MET A 220 3.45 -7.59 0.83
C MET A 220 4.95 -7.32 0.71
N SER A 221 5.30 -6.22 0.05
CA SER A 221 6.69 -5.82 -0.08
C SER A 221 7.31 -5.47 1.26
N ASN A 222 6.59 -4.67 2.06
CA ASN A 222 7.07 -4.28 3.38
C ASN A 222 7.26 -5.46 4.32
N LYS A 223 6.31 -6.40 4.28
CA LYS A 223 6.41 -7.59 5.10
C LYS A 223 7.54 -8.47 4.57
N GLY A 224 7.64 -8.57 3.25
CA GLY A 224 8.71 -9.33 2.62
C GLY A 224 10.09 -8.77 2.93
N MET A 225 10.18 -7.45 2.96
CA MET A 225 11.43 -6.78 3.26
C MET A 225 11.89 -7.07 4.68
N GLU A 226 10.95 -7.10 5.62
CA GLU A 226 11.24 -7.50 7.00
C GLU A 226 11.79 -8.92 7.01
N HIS A 227 11.14 -9.79 6.27
CA HIS A 227 11.54 -11.19 6.14
C HIS A 227 12.96 -11.31 5.60
N LEU A 228 13.30 -10.47 4.64
CA LEU A 228 14.61 -10.52 4.01
C LEU A 228 15.73 -10.05 4.96
N TYR A 229 15.42 -9.06 5.79
CA TYR A 229 16.39 -8.58 6.78
C TYR A 229 16.66 -9.67 7.82
N SER A 230 15.64 -10.46 8.13
CA SER A 230 15.80 -11.57 9.05
C SER A 230 16.69 -12.65 8.44
N MET A 231 16.47 -12.92 7.15
CA MET A 231 17.32 -13.85 6.42
CA MET A 231 17.33 -13.86 6.43
C MET A 231 18.73 -13.29 6.32
N LYS A 232 18.83 -11.96 6.38
CA LYS A 232 20.12 -11.28 6.27
C LYS A 232 20.90 -11.34 7.57
N CYS A 233 20.21 -11.22 8.70
CA CYS A 233 20.89 -11.17 10.00
C CYS A 233 21.10 -12.59 10.52
N ASN A 235 22.64 -15.93 9.45
CA ASN A 235 23.33 -16.01 8.17
C ASN A 235 22.88 -17.22 7.35
N VAL A 236 21.76 -17.08 6.67
CA VAL A 236 21.17 -18.18 5.90
C VAL A 236 21.89 -18.39 4.57
N VAL A 237 21.50 -17.62 3.55
CA VAL A 237 22.14 -17.71 2.25
C VAL A 237 22.89 -16.42 1.95
N PRO A 238 24.10 -16.53 1.36
CA PRO A 238 24.86 -15.35 0.94
C PRO A 238 24.08 -14.50 -0.06
N LEU A 239 24.01 -13.21 0.23
CA LEU A 239 23.37 -12.26 -0.66
C LEU A 239 24.39 -11.60 -1.59
N SER A 240 23.94 -11.19 -2.76
CA SER A 240 24.78 -10.41 -3.66
C SER A 240 24.93 -9.00 -3.07
N ASP A 241 26.00 -8.32 -3.47
CA ASP A 241 26.22 -6.95 -3.03
C ASP A 241 25.07 -6.05 -3.48
N LEU A 242 24.55 -6.30 -4.69
CA LEU A 242 23.44 -5.52 -5.21
C LEU A 242 22.19 -5.70 -4.35
N LEU A 243 21.87 -6.95 -4.02
CA LEU A 243 20.71 -7.22 -3.17
C LEU A 243 20.86 -6.59 -1.79
N LEU A 244 22.06 -6.68 -1.23
CA LEU A 244 22.31 -6.12 0.09
C LEU A 244 22.10 -4.61 0.10
N GLU A 245 22.56 -3.94 -0.95
CA GLU A 245 22.39 -2.49 -1.03
C GLU A 245 20.93 -2.10 -1.25
N MET A 246 20.22 -2.86 -2.07
CA MET A 246 18.79 -2.63 -2.25
C MET A 246 18.04 -2.90 -0.94
N LEU A 247 18.53 -3.88 -0.20
CA LEU A 247 17.96 -4.25 1.10
C LEU A 247 18.28 -3.19 2.15
N ASP A 248 19.53 -2.76 2.21
CA ASP A 248 19.96 -1.76 3.18
CA ASP A 248 19.96 -1.76 3.19
C ASP A 248 19.25 -0.42 2.97
N ALA A 249 18.79 -0.19 1.75
CA ALA A 249 18.09 1.05 1.42
C ALA A 249 16.80 1.21 2.22
N HIS A 250 16.22 0.08 2.62
CA HIS A 250 15.01 0.10 3.45
C HIS A 250 15.35 0.06 4.93
N ARG A 251 16.56 0.50 5.27
CA ARG A 251 17.03 0.56 6.66
C ARG A 251 16.91 -0.79 7.37
N SER B 8 -28.27 -6.52 2.25
CA SER B 8 -27.45 -5.41 2.71
C SER B 8 -28.19 -4.09 2.56
N LEU B 9 -27.91 -3.16 3.46
CA LEU B 9 -28.48 -1.82 3.37
C LEU B 9 -27.53 -0.89 2.61
N ALA B 10 -26.24 -1.24 2.64
CA ALA B 10 -25.22 -0.45 1.97
C ALA B 10 -25.39 -0.49 0.46
N LEU B 11 -25.77 -1.64 -0.06
CA LEU B 11 -25.94 -1.83 -1.50
C LEU B 11 -27.24 -1.19 -1.98
N SER B 12 -28.00 -0.64 -1.04
CA SER B 12 -29.27 0.01 -1.33
C SER B 12 -29.15 1.53 -1.34
N LEU B 13 -28.10 2.04 -0.68
CA LEU B 13 -27.92 3.47 -0.51
C LEU B 13 -27.51 4.16 -1.80
N THR B 14 -28.07 5.34 -2.04
CA THR B 14 -27.63 6.21 -3.12
C THR B 14 -26.28 6.79 -2.75
N ALA B 15 -25.59 7.39 -3.71
CA ALA B 15 -24.29 8.00 -3.48
C ALA B 15 -24.38 9.13 -2.44
N ASP B 16 -25.44 9.92 -2.51
CA ASP B 16 -25.63 11.00 -1.57
C ASP B 16 -25.96 10.48 -0.18
N GLN B 17 -26.75 9.41 -0.12
CA GLN B 17 -27.07 8.78 1.15
C GLN B 17 -25.83 8.13 1.74
N MET B 18 -24.96 7.61 0.87
CA MET B 18 -23.70 7.03 1.30
C MET B 18 -22.83 8.07 1.98
N VAL B 19 -22.70 9.24 1.34
CA VAL B 19 -21.92 10.35 1.89
C VAL B 19 -22.47 10.83 3.22
N SER B 20 -23.79 11.02 3.28
CA SER B 20 -24.44 11.47 4.50
C SER B 20 -24.20 10.48 5.64
N ALA B 21 -24.31 9.20 5.33
CA ALA B 21 -24.06 8.14 6.29
C ALA B 21 -22.65 8.25 6.87
N LEU B 22 -21.66 8.36 6.00
CA LEU B 22 -20.26 8.43 6.41
C LEU B 22 -19.96 9.69 7.21
N LEU B 23 -20.49 10.83 6.75
CA LEU B 23 -20.28 12.11 7.41
C LEU B 23 -20.76 12.09 8.86
N ASP B 24 -21.95 11.55 9.08
CA ASP B 24 -22.55 11.53 10.41
C ASP B 24 -21.97 10.44 11.31
N ALA B 25 -21.19 9.55 10.71
CA ALA B 25 -20.53 8.49 11.49
C ALA B 25 -19.11 8.93 11.88
N GLU B 26 -18.75 10.13 11.47
CA GLU B 26 -17.42 10.67 11.76
C GLU B 26 -17.15 10.75 13.25
N PRO B 27 -15.97 10.27 13.67
CA PRO B 27 -15.54 10.40 15.06
C PRO B 27 -15.14 11.83 15.37
N PRO B 28 -15.10 12.20 16.66
CA PRO B 28 -14.66 13.55 17.03
C PRO B 28 -13.14 13.67 17.07
N ILE B 29 -12.64 14.90 17.04
CA ILE B 29 -11.23 15.15 17.21
C ILE B 29 -10.91 15.28 18.68
N LEU B 30 -10.11 14.34 19.19
CA LEU B 30 -9.81 14.28 20.62
C LEU B 30 -8.60 15.14 20.99
N TYR B 31 -8.57 15.60 22.23
CA TYR B 31 -7.42 16.34 22.75
C TYR B 31 -6.39 15.39 23.32
N SER B 32 -5.15 15.86 23.40
CA SER B 32 -4.08 15.12 24.07
C SER B 32 -3.92 15.64 25.50
N GLU B 33 -2.98 15.09 26.23
CA GLU B 33 -2.67 15.57 27.57
C GLU B 33 -1.44 16.47 27.53
N TYR B 34 -1.15 17.02 26.35
CA TYR B 34 0.03 17.87 26.18
C TYR B 34 -0.05 19.11 27.07
N ASP B 35 1.09 19.43 27.69
CA ASP B 35 1.21 20.59 28.56
C ASP B 35 2.54 21.26 28.23
N PRO B 36 2.48 22.50 27.72
CA PRO B 36 3.69 23.25 27.34
C PRO B 36 4.63 23.50 28.52
N THR B 37 4.08 23.46 29.72
CA THR B 37 4.86 23.69 30.90
C THR B 37 5.56 22.43 31.31
N ARG B 38 5.37 21.36 30.57
CA ARG B 38 6.07 20.11 30.84
C ARG B 38 7.20 19.84 29.89
N PRO B 39 8.21 19.17 30.42
CA PRO B 39 9.40 18.79 29.69
C PRO B 39 9.13 17.79 28.60
N PHE B 40 10.10 17.59 27.72
CA PHE B 40 9.86 17.40 26.31
C PHE B 40 10.35 16.05 25.82
N SER B 41 10.55 15.14 26.78
CA SER B 41 10.90 13.72 26.58
C SER B 41 10.24 12.96 25.42
N GLU B 42 10.95 12.88 24.31
CA GLU B 42 10.34 12.38 23.10
C GLU B 42 9.76 10.99 23.35
N ALA B 43 10.12 10.39 24.46
CA ALA B 43 9.35 9.28 24.96
C ALA B 43 8.04 9.66 25.68
N SER B 44 7.75 10.93 25.81
CA SER B 44 6.57 11.36 26.51
C SER B 44 5.64 11.94 25.50
N MET B 45 6.21 12.39 24.42
CA MET B 45 5.54 12.66 23.16
C MET B 45 4.86 11.39 22.67
N MET B 46 5.60 10.29 22.65
CA MET B 46 5.03 9.00 22.31
C MET B 46 4.03 8.59 23.37
N GLY B 47 4.23 9.09 24.59
CA GLY B 47 3.28 8.93 25.67
C GLY B 47 1.96 9.57 25.31
N LEU B 48 2.02 10.83 24.89
CA LEU B 48 0.83 11.56 24.47
C LEU B 48 0.15 10.86 23.30
N LEU B 49 0.93 10.48 22.30
CA LEU B 49 0.38 9.86 21.10
C LEU B 49 -0.25 8.50 21.38
N THR B 50 0.41 7.69 22.20
CA THR B 50 -0.12 6.38 22.60
C THR B 50 -1.45 6.53 23.34
N ASN B 51 -1.46 7.40 24.34
CA ASN B 51 -2.67 7.71 25.10
C ASN B 51 -3.77 8.23 24.18
N LEU B 52 -3.40 9.10 23.25
CA LEU B 52 -4.33 9.67 22.29
C LEU B 52 -4.89 8.60 21.35
N ALA B 53 -3.99 7.79 20.80
CA ALA B 53 -4.39 6.74 19.87
C ALA B 53 -5.34 5.75 20.53
N ASP B 54 -5.06 5.42 21.78
CA ASP B 54 -5.88 4.47 22.53
C ASP B 54 -7.31 4.97 22.72
N ARG B 55 -7.48 6.25 23.01
CA ARG B 55 -8.81 6.83 23.16
C ARG B 55 -9.49 6.97 21.79
N GLU B 56 -8.70 7.18 20.74
CA GLU B 56 -9.24 7.26 19.38
C GLU B 56 -9.74 5.92 18.86
N LEU B 57 -9.11 4.84 19.33
CA LEU B 57 -9.49 3.50 18.91
C LEU B 57 -10.92 3.17 19.29
N VAL B 58 -11.33 3.61 20.47
CA VAL B 58 -12.67 3.36 20.95
C VAL B 58 -13.71 4.02 20.04
N HIS B 59 -13.42 5.26 19.62
CA HIS B 59 -14.29 5.96 18.70
C HIS B 59 -14.26 5.35 17.30
N MET B 60 -13.09 4.83 16.91
CA MET B 60 -12.92 4.22 15.60
C MET B 60 -13.74 2.96 15.45
N ILE B 61 -13.75 2.15 16.51
CA ILE B 61 -14.49 0.90 16.55
C ILE B 61 -15.99 1.14 16.38
N ASN B 62 -16.51 2.15 17.09
CA ASN B 62 -17.91 2.50 16.98
C ASN B 62 -18.20 3.22 15.67
N TRP B 63 -17.18 3.84 15.09
CA TRP B 63 -17.31 4.45 13.77
C TRP B 63 -17.42 3.37 12.69
N ALA B 64 -16.62 2.31 12.84
CA ALA B 64 -16.60 1.22 11.86
C ALA B 64 -17.94 0.52 11.77
N LYS B 65 -18.62 0.41 12.90
CA LYS B 65 -19.92 -0.26 12.97
C LYS B 65 -21.00 0.56 12.28
N ARG B 66 -20.67 1.81 11.97
CA ARG B 66 -21.60 2.69 11.27
C ARG B 66 -21.15 2.94 9.83
N VAL B 67 -20.12 2.20 9.42
CA VAL B 67 -19.72 2.19 8.02
C VAL B 67 -20.59 1.19 7.28
N PRO B 68 -21.36 1.67 6.30
CA PRO B 68 -22.31 0.85 5.52
C PRO B 68 -21.70 -0.45 5.03
N GLY B 69 -22.27 -1.57 5.48
CA GLY B 69 -21.82 -2.88 5.04
C GLY B 69 -20.88 -3.59 6.00
N PHE B 70 -20.33 -2.84 6.96
CA PHE B 70 -19.32 -3.40 7.85
C PHE B 70 -19.88 -4.42 8.83
N VAL B 71 -21.06 -4.11 9.39
CA VAL B 71 -21.64 -4.97 10.41
C VAL B 71 -22.40 -6.13 9.77
N ASP B 72 -22.47 -6.14 8.44
CA ASP B 72 -23.02 -7.26 7.70
C ASP B 72 -22.05 -8.43 7.75
N LEU B 73 -20.80 -8.14 8.10
CA LEU B 73 -19.76 -9.15 8.20
C LEU B 73 -19.75 -9.85 9.56
N THR B 74 -19.10 -11.00 9.63
CA THR B 74 -18.96 -11.72 10.90
C THR B 74 -18.07 -10.94 11.86
N LEU B 75 -18.17 -11.25 13.14
CA LEU B 75 -17.35 -10.59 14.16
C LEU B 75 -15.87 -10.83 13.92
N HIS B 76 -15.53 -12.04 13.49
CA HIS B 76 -14.14 -12.41 13.22
C HIS B 76 -13.59 -11.60 12.05
N ASP B 77 -14.43 -11.34 11.06
CA ASP B 77 -14.01 -10.55 9.90
C ASP B 77 -13.91 -9.07 10.24
N GLN B 78 -14.81 -8.59 11.09
CA GLN B 78 -14.75 -7.22 11.57
C GLN B 78 -13.47 -6.97 12.35
N VAL B 79 -13.15 -7.90 13.25
CA VAL B 79 -11.93 -7.84 14.04
C VAL B 79 -10.70 -7.79 13.14
N HIS B 80 -10.65 -8.69 12.16
CA HIS B 80 -9.50 -8.76 11.25
C HIS B 80 -9.27 -7.46 10.51
N LEU B 81 -10.32 -6.92 9.92
CA LEU B 81 -10.23 -5.66 9.17
C LEU B 81 -9.72 -4.51 10.05
N LEU B 82 -10.22 -4.43 11.28
CA LEU B 82 -9.79 -3.35 12.17
C LEU B 82 -8.35 -3.57 12.64
N GLU B 83 -7.99 -4.81 12.94
CA GLU B 83 -6.63 -5.13 13.31
C GLU B 83 -5.66 -4.76 12.20
N CYS B 84 -6.08 -4.99 10.97
CA CYS B 84 -5.25 -4.68 9.82
C CYS B 84 -5.13 -3.18 9.57
N ALA B 85 -6.22 -2.44 9.74
CA ALA B 85 -6.28 -1.08 9.23
C ALA B 85 -6.18 0.04 10.27
N TRP B 86 -6.13 -0.30 11.56
CA TRP B 86 -6.31 0.72 12.61
C TRP B 86 -5.31 1.88 12.51
N LEU B 87 -4.03 1.58 12.26
CA LEU B 87 -3.02 2.62 12.18
C LEU B 87 -3.14 3.42 10.88
N GLU B 88 -3.55 2.76 9.80
CA GLU B 88 -3.82 3.45 8.53
C GLU B 88 -4.92 4.49 8.71
N ILE B 89 -5.94 4.10 9.45
CA ILE B 89 -7.10 4.95 9.68
C ILE B 89 -6.76 6.12 10.60
N LEU B 90 -5.96 5.85 11.63
CA LEU B 90 -5.48 6.92 12.50
C LEU B 90 -4.64 7.91 11.70
N MET B 91 -3.79 7.39 10.82
CA MET B 91 -2.84 8.21 10.08
C MET B 91 -3.49 9.08 9.01
N ILE B 92 -4.52 8.56 8.33
CA ILE B 92 -5.20 9.37 7.33
C ILE B 92 -6.03 10.45 8.02
N GLY B 93 -6.51 10.15 9.22
CA GLY B 93 -7.20 11.15 10.03
C GLY B 93 -6.24 12.25 10.44
N LEU B 94 -5.03 11.85 10.85
CA LEU B 94 -4.00 12.80 11.24
C LEU B 94 -3.60 13.69 10.06
N VAL B 95 -3.39 13.06 8.92
CA VAL B 95 -3.00 13.77 7.70
C VAL B 95 -4.11 14.73 7.24
N TRP B 96 -5.36 14.29 7.35
CA TRP B 96 -6.50 15.13 6.98
C TRP B 96 -6.59 16.41 7.82
N ARG B 97 -6.52 16.28 9.14
CA ARG B 97 -6.67 17.45 9.99
C ARG B 97 -5.41 18.31 10.02
N SER B 98 -4.34 17.82 9.39
CA SER B 98 -3.09 18.59 9.33
C SER B 98 -2.96 19.35 8.00
N MET B 99 -3.99 19.30 7.17
CA MET B 99 -3.95 19.91 5.84
C MET B 99 -3.68 21.42 5.87
N GLU B 100 -4.41 22.12 6.73
CA GLU B 100 -4.31 23.57 6.80
C GLU B 100 -3.11 24.04 7.62
N HIS B 101 -2.23 23.10 7.93
CA HIS B 101 -1.04 23.41 8.73
C HIS B 101 0.23 22.92 8.05
N PRO B 102 0.70 23.66 7.04
CA PRO B 102 1.92 23.32 6.28
C PRO B 102 3.13 23.16 7.18
N GLY B 103 3.81 22.02 7.08
CA GLY B 103 4.99 21.76 7.88
C GLY B 103 4.66 21.28 9.28
N LYS B 104 3.37 21.17 9.58
CA LYS B 104 2.94 20.75 10.90
C LYS B 104 2.05 19.51 10.84
N LEU B 105 2.08 18.72 11.91
CA LEU B 105 1.13 17.65 12.10
C LEU B 105 0.22 17.99 13.28
N LEU B 106 -1.08 18.01 13.04
CA LEU B 106 -2.06 18.31 14.09
C LEU B 106 -2.54 17.02 14.73
N PHE B 107 -1.76 16.48 15.67
CA PHE B 107 -2.15 15.26 16.37
C PHE B 107 -3.40 15.52 17.21
N ALA B 108 -3.46 16.72 17.79
CA ALA B 108 -4.62 17.16 18.55
C ALA B 108 -4.68 18.68 18.45
N PRO B 109 -5.85 19.27 18.71
CA PRO B 109 -5.99 20.74 18.72
C PRO B 109 -4.99 21.43 19.66
N ASN B 110 -4.54 20.73 20.69
CA ASN B 110 -3.56 21.28 21.61
C ASN B 110 -2.17 20.67 21.41
N LEU B 111 -1.99 19.97 20.29
CA LEU B 111 -0.72 19.32 20.02
C LEU B 111 -0.29 19.48 18.56
N LEU B 112 0.41 20.58 18.29
CA LEU B 112 0.97 20.86 16.97
C LEU B 112 2.49 20.65 16.97
N LEU B 113 2.94 19.60 16.29
CA LEU B 113 4.36 19.29 16.26
C LEU B 113 4.91 19.43 14.84
N ASP B 114 6.05 20.09 14.69
CA ASP B 114 6.73 20.02 13.40
C ASP B 114 7.88 19.03 13.55
N ARG B 115 8.72 18.90 12.52
CA ARG B 115 9.78 17.92 12.58
C ARG B 115 10.93 18.33 13.51
N ASN B 116 10.93 19.58 14.00
CA ASN B 116 12.04 20.09 14.83
C ASN B 116 11.87 19.90 16.34
N GLN B 117 10.67 20.17 16.85
CA GLN B 117 10.33 19.86 18.25
C GLN B 117 10.44 18.35 18.49
N GLY B 118 11.59 17.80 18.20
CA GLY B 118 11.65 16.47 17.63
C GLY B 118 12.29 15.51 18.58
N LYS B 119 13.14 14.65 18.03
CA LYS B 119 12.71 13.30 17.72
C LYS B 119 13.80 12.43 17.19
N CYS B 120 13.41 11.22 16.88
CA CYS B 120 13.63 10.12 17.77
C CYS B 120 14.36 9.13 16.90
N VAL B 121 15.41 9.66 16.30
CA VAL B 121 15.27 10.22 14.98
C VAL B 121 16.02 9.25 14.15
N GLU B 122 16.25 9.60 12.89
CA GLU B 122 16.33 8.60 11.84
C GLU B 122 15.34 7.46 12.03
N GLY B 123 14.32 7.51 11.20
CA GLY B 123 13.23 6.56 11.20
C GLY B 123 11.93 7.23 11.60
N MET B 124 11.93 7.85 12.78
CA MET B 124 10.74 8.53 13.27
C MET B 124 10.53 9.84 12.51
N VAL B 125 11.62 10.56 12.30
CA VAL B 125 11.57 11.78 11.52
C VAL B 125 11.20 11.45 10.07
N GLU B 126 11.55 10.25 9.63
CA GLU B 126 11.20 9.79 8.28
C GLU B 126 9.69 9.59 8.17
N ILE B 127 9.12 8.86 9.11
CA ILE B 127 7.67 8.66 9.16
C ILE B 127 6.96 10.00 9.27
N PHE B 128 7.55 10.90 10.06
CA PHE B 128 7.02 12.25 10.21
C PHE B 128 7.02 12.99 8.86
N ASP B 129 8.14 12.90 8.15
CA ASP B 129 8.28 13.53 6.85
C ASP B 129 7.28 12.98 5.84
N MET B 130 7.05 11.66 5.90
CA MET B 130 6.12 11.01 5.00
C MET B 130 4.68 11.49 5.25
N LEU B 131 4.33 11.60 6.54
CA LEU B 131 3.02 12.13 6.93
C LEU B 131 2.86 13.56 6.43
N LEU B 132 3.89 14.38 6.63
CA LEU B 132 3.90 15.76 6.14
C LEU B 132 3.69 15.82 4.62
N ALA B 133 4.36 14.94 3.89
CA ALA B 133 4.27 14.91 2.44
C ALA B 133 2.85 14.57 1.99
N THR B 134 2.27 13.56 2.64
CA THR B 134 0.90 13.13 2.35
C THR B 134 -0.09 14.27 2.60
N SER B 135 0.09 14.95 3.73
CA SER B 135 -0.75 16.10 4.07
C SER B 135 -0.59 17.19 3.03
N SER B 136 0.65 17.41 2.60
CA SER B 136 0.94 18.38 1.54
C SER B 136 0.25 17.98 0.24
N ARG B 137 0.10 16.67 0.03
CA ARG B 137 -0.58 16.17 -1.17
C ARG B 137 -2.08 16.42 -1.11
N PHE B 138 -2.69 16.14 0.03
CA PHE B 138 -4.12 16.40 0.22
C PHE B 138 -4.45 17.88 0.02
N ARG B 139 -3.57 18.74 0.52
CA ARG B 139 -3.78 20.18 0.43
C ARG B 139 -3.71 20.67 -1.01
N MET B 140 -2.71 20.19 -1.74
CA MET B 140 -2.53 20.57 -3.15
C MET B 140 -3.65 20.02 -4.03
N MET B 141 -4.20 18.87 -3.64
CA MET B 141 -5.32 18.27 -4.35
C MET B 141 -6.64 18.92 -3.98
N ASN B 142 -6.63 19.73 -2.93
CA ASN B 142 -7.83 20.32 -2.36
C ASN B 142 -8.84 19.23 -2.00
N LEU B 143 -8.36 18.22 -1.27
CA LEU B 143 -9.19 17.10 -0.85
C LEU B 143 -10.41 17.58 -0.07
N GLN B 144 -11.58 17.07 -0.46
CA GLN B 144 -12.84 17.46 0.18
C GLN B 144 -13.20 16.50 1.30
N GLY B 145 -14.01 16.98 2.24
CA GLY B 145 -14.43 16.17 3.37
C GLY B 145 -15.20 14.93 2.94
N GLU B 146 -15.99 15.07 1.88
CA GLU B 146 -16.77 13.97 1.33
C GLU B 146 -15.86 12.91 0.72
N GLU B 147 -14.76 13.35 0.13
CA GLU B 147 -13.79 12.43 -0.46
C GLU B 147 -12.98 11.72 0.62
N PHE B 148 -12.65 12.44 1.68
CA PHE B 148 -11.87 11.88 2.79
C PHE B 148 -12.60 10.75 3.50
N VAL B 149 -13.90 10.91 3.75
CA VAL B 149 -14.66 9.89 4.45
C VAL B 149 -14.87 8.66 3.57
N CYS B 150 -14.85 8.86 2.25
CA CYS B 150 -14.88 7.73 1.34
C CYS B 150 -13.56 6.95 1.41
N LEU B 151 -12.45 7.68 1.38
CA LEU B 151 -11.12 7.07 1.41
C LEU B 151 -10.87 6.27 2.68
N LYS B 152 -11.27 6.83 3.82
CA LYS B 152 -11.08 6.19 5.12
C LYS B 152 -11.89 4.89 5.21
N SER B 153 -13.09 4.93 4.66
CA SER B 153 -13.95 3.74 4.61
C SER B 153 -13.39 2.67 3.68
N ILE B 154 -12.76 3.11 2.59
CA ILE B 154 -12.13 2.17 1.66
C ILE B 154 -11.00 1.42 2.36
N ILE B 155 -10.20 2.16 3.12
CA ILE B 155 -9.09 1.57 3.85
C ILE B 155 -9.57 0.48 4.80
N LEU B 156 -10.61 0.78 5.58
CA LEU B 156 -11.19 -0.18 6.51
C LEU B 156 -11.55 -1.49 5.83
N LEU B 157 -12.18 -1.39 4.67
CA LEU B 157 -12.67 -2.57 3.94
C LEU B 157 -11.60 -3.24 3.10
N ASN B 158 -10.69 -2.46 2.53
CA ASN B 158 -9.72 -2.99 1.59
C ASN B 158 -8.47 -3.57 2.25
N SER B 159 -7.92 -2.86 3.23
CA SER B 159 -6.59 -3.17 3.78
C SER B 159 -6.40 -4.63 4.21
N GLY B 160 -7.50 -5.29 4.59
CA GLY B 160 -7.43 -6.69 4.97
C GLY B 160 -8.45 -7.56 4.29
N VAL B 161 -8.87 -7.18 3.08
CA VAL B 161 -9.89 -7.91 2.35
C VAL B 161 -9.37 -9.28 1.92
N TYR B 162 -8.05 -9.37 1.72
CA TYR B 162 -7.39 -10.65 1.54
C TYR B 162 -6.91 -11.08 2.91
N THR B 163 -5.75 -11.73 2.98
CA THR B 163 -5.10 -12.06 4.25
C THR B 163 -6.00 -12.77 5.28
N PHE B 164 -7.19 -13.20 4.86
CA PHE B 164 -8.13 -13.85 5.76
C PHE B 164 -7.66 -15.25 6.13
N THR B 168 -11.51 -19.58 6.63
CA THR B 168 -12.21 -20.86 6.60
C THR B 168 -12.61 -21.25 5.18
N LEU B 169 -13.63 -22.09 5.06
CA LEU B 169 -14.10 -22.55 3.76
C LEU B 169 -15.55 -22.08 3.53
N LYS B 170 -16.02 -22.22 2.29
CA LYS B 170 -17.36 -21.80 1.87
C LYS B 170 -17.59 -20.30 2.06
N SER B 171 -17.58 -19.85 3.30
CA SER B 171 -17.73 -18.44 3.63
C SER B 171 -16.66 -17.61 2.92
N LEU B 172 -17.00 -17.12 1.74
CA LEU B 172 -16.05 -16.42 0.86
C LEU B 172 -16.80 -15.40 0.06
N GLU B 173 -18.13 -15.54 0.10
CA GLU B 173 -19.03 -14.58 -0.49
C GLU B 173 -19.06 -13.31 0.36
N GLU B 174 -18.52 -13.39 1.58
CA GLU B 174 -18.37 -12.20 2.41
C GLU B 174 -17.28 -11.32 1.83
N LYS B 175 -16.27 -11.95 1.25
CA LYS B 175 -15.22 -11.22 0.54
C LYS B 175 -15.81 -10.60 -0.72
N ASP B 176 -16.76 -11.31 -1.33
CA ASP B 176 -17.49 -10.78 -2.47
C ASP B 176 -18.29 -9.55 -2.07
N HIS B 177 -18.94 -9.62 -0.92
CA HIS B 177 -19.75 -8.51 -0.41
C HIS B 177 -18.90 -7.27 -0.15
N ILE B 178 -17.69 -7.47 0.36
CA ILE B 178 -16.77 -6.35 0.59
C ILE B 178 -16.40 -5.70 -0.74
N HIS B 179 -16.17 -6.53 -1.76
CA HIS B 179 -15.88 -6.02 -3.10
C HIS B 179 -17.05 -5.20 -3.65
N ARG B 180 -18.27 -5.63 -3.34
CA ARG B 180 -19.45 -4.91 -3.81
C ARG B 180 -19.56 -3.54 -3.16
N VAL B 181 -19.31 -3.48 -1.85
CA VAL B 181 -19.37 -2.24 -1.12
C VAL B 181 -18.27 -1.28 -1.59
N LEU B 182 -17.07 -1.82 -1.80
CA LEU B 182 -15.96 -1.04 -2.33
C LEU B 182 -16.30 -0.43 -3.69
N ASP B 183 -16.96 -1.20 -4.54
CA ASP B 183 -17.40 -0.72 -5.84
C ASP B 183 -18.39 0.43 -5.69
N LYS B 184 -19.26 0.33 -4.69
CA LYS B 184 -20.22 1.39 -4.41
C LYS B 184 -19.52 2.68 -3.98
N ILE B 185 -18.50 2.55 -3.15
CA ILE B 185 -17.76 3.71 -2.68
C ILE B 185 -16.99 4.35 -3.84
N THR B 186 -16.55 3.51 -4.77
CA THR B 186 -15.94 4.00 -6.00
C THR B 186 -16.94 4.88 -6.76
N ASP B 187 -18.15 4.36 -6.91
CA ASP B 187 -19.24 5.09 -7.54
C ASP B 187 -19.49 6.42 -6.84
N THR B 188 -19.49 6.37 -5.51
CA THR B 188 -19.72 7.55 -4.71
C THR B 188 -18.64 8.62 -4.97
N LEU B 189 -17.38 8.18 -5.01
CA LEU B 189 -16.26 9.08 -5.30
C LEU B 189 -16.41 9.77 -6.65
N ILE B 190 -16.70 8.98 -7.68
CA ILE B 190 -16.91 9.52 -9.02
C ILE B 190 -18.09 10.50 -9.03
N HIS B 191 -19.16 10.13 -8.32
CA HIS B 191 -20.34 10.97 -8.20
C HIS B 191 -19.98 12.34 -7.62
N LEU B 192 -19.13 12.35 -6.60
CA LEU B 192 -18.70 13.58 -5.96
C LEU B 192 -17.91 14.45 -6.93
N MET B 193 -17.06 13.82 -7.73
CA MET B 193 -16.22 14.54 -8.67
C MET B 193 -17.04 15.09 -9.83
N ALA B 194 -18.02 14.30 -10.27
CA ALA B 194 -18.94 14.74 -11.32
C ALA B 194 -19.75 15.94 -10.85
N LYS B 195 -20.21 15.89 -9.59
CA LYS B 195 -20.97 16.98 -9.01
C LYS B 195 -20.09 18.22 -8.85
N ALA B 196 -18.78 18.00 -8.69
CA ALA B 196 -17.83 19.09 -8.54
C ALA B 196 -17.51 19.75 -9.89
N GLY B 197 -18.05 19.18 -10.96
CA GLY B 197 -17.90 19.77 -12.29
C GLY B 197 -16.66 19.34 -13.04
N LEU B 198 -15.98 18.30 -12.55
CA LEU B 198 -14.79 17.78 -13.20
C LEU B 198 -15.14 17.02 -14.48
N THR B 199 -14.32 17.17 -15.51
CA THR B 199 -14.51 16.42 -16.74
C THR B 199 -14.24 14.94 -16.50
N LEU B 200 -14.61 14.11 -17.47
CA LEU B 200 -14.41 12.66 -17.36
C LEU B 200 -12.95 12.29 -17.14
N GLN B 201 -12.07 12.90 -17.91
CA GLN B 201 -10.63 12.66 -17.78
C GLN B 201 -10.14 13.09 -16.39
N GLN B 202 -10.65 14.23 -15.93
CA GLN B 202 -10.28 14.75 -14.61
C GLN B 202 -10.82 13.88 -13.47
N GLN B 203 -11.96 13.25 -13.70
CA GLN B 203 -12.53 12.34 -12.72
C GLN B 203 -11.66 11.10 -12.56
N HIS B 204 -11.30 10.48 -13.67
CA HIS B 204 -10.47 9.29 -13.66
C HIS B 204 -9.11 9.56 -13.04
N GLN B 205 -8.51 10.70 -13.41
CA GLN B 205 -7.20 11.09 -12.89
C GLN B 205 -7.23 11.33 -11.39
N ARG B 206 -8.22 12.08 -10.91
CA ARG B 206 -8.32 12.37 -9.48
C ARG B 206 -8.59 11.10 -8.70
N LEU B 207 -9.46 10.24 -9.23
CA LEU B 207 -9.74 8.96 -8.62
C LEU B 207 -8.46 8.16 -8.44
N ALA B 208 -7.62 8.13 -9.48
CA ALA B 208 -6.36 7.40 -9.42
C ALA B 208 -5.43 8.02 -8.38
N GLN B 209 -5.29 9.34 -8.43
CA GLN B 209 -4.45 10.07 -7.48
C GLN B 209 -4.83 9.77 -6.03
N LEU B 210 -6.12 9.73 -5.76
CA LEU B 210 -6.61 9.45 -4.42
C LEU B 210 -6.22 8.05 -3.96
N LEU B 211 -6.41 7.07 -4.84
CA LEU B 211 -6.19 5.69 -4.45
C LEU B 211 -4.71 5.33 -4.38
N LEU B 212 -3.89 6.02 -5.15
CA LEU B 212 -2.44 5.82 -5.07
C LEU B 212 -1.91 6.30 -3.72
N ILE B 213 -2.60 7.26 -3.12
CA ILE B 213 -2.22 7.78 -1.81
C ILE B 213 -2.40 6.70 -0.73
N LEU B 214 -3.38 5.83 -0.93
CA LEU B 214 -3.63 4.73 0.00
C LEU B 214 -2.44 3.78 0.07
N SER B 215 -1.69 3.69 -1.02
CA SER B 215 -0.46 2.91 -1.02
C SER B 215 0.58 3.53 -0.10
N HIS B 216 0.64 4.86 -0.10
CA HIS B 216 1.56 5.57 0.78
C HIS B 216 1.12 5.44 2.24
N ILE B 217 -0.19 5.49 2.47
CA ILE B 217 -0.72 5.34 3.81
C ILE B 217 -0.45 3.94 4.34
N ARG B 218 -0.57 2.94 3.46
CA ARG B 218 -0.25 1.58 3.83
C ARG B 218 1.22 1.46 4.23
N HIS B 219 2.09 2.10 3.45
CA HIS B 219 3.52 2.05 3.70
C HIS B 219 3.87 2.68 5.05
N MET B 220 3.24 3.83 5.33
CA MET B 220 3.51 4.55 6.57
C MET B 220 3.04 3.75 7.78
N SER B 221 1.93 3.04 7.61
CA SER B 221 1.39 2.20 8.68
C SER B 221 2.33 1.05 9.01
N ASN B 222 2.87 0.40 7.98
CA ASN B 222 3.79 -0.72 8.17
C ASN B 222 5.08 -0.29 8.84
N LYS B 223 5.63 0.84 8.39
CA LYS B 223 6.84 1.38 9.00
C LYS B 223 6.56 1.87 10.42
N GLY B 224 5.38 2.43 10.63
CA GLY B 224 4.98 2.89 11.96
C GLY B 224 4.79 1.72 12.91
N MET B 225 4.23 0.63 12.40
CA MET B 225 4.01 -0.58 13.17
C MET B 225 5.34 -1.18 13.61
N GLU B 226 6.35 -1.08 12.74
CA GLU B 226 7.69 -1.56 13.06
C GLU B 226 8.26 -0.82 14.26
N HIS B 227 8.11 0.49 14.28
CA HIS B 227 8.63 1.29 15.38
CA HIS B 227 8.62 1.30 15.37
C HIS B 227 7.88 1.02 16.67
N LEU B 228 6.57 0.86 16.57
CA LEU B 228 5.74 0.59 17.74
C LEU B 228 6.11 -0.76 18.36
N TYR B 229 6.48 -1.71 17.52
CA TYR B 229 6.96 -3.01 17.99
C TYR B 229 8.36 -2.86 18.56
N SER B 230 9.18 -2.05 17.92
CA SER B 230 10.51 -1.74 18.41
C SER B 230 10.41 -0.99 19.73
N MET B 231 9.45 -0.07 19.80
CA MET B 231 9.16 0.65 21.03
C MET B 231 8.81 -0.30 22.17
N LYS B 232 7.70 -1.01 21.98
CA LYS B 232 7.17 -1.98 22.96
C LYS B 232 8.24 -2.83 23.65
N CYS B 233 9.14 -3.42 22.88
CA CYS B 233 10.14 -4.34 23.42
C CYS B 233 11.21 -3.62 24.25
N LYS B 234 11.29 -2.30 24.11
CA LYS B 234 12.26 -1.52 24.86
C LYS B 234 11.64 -0.98 26.16
N ASN B 235 10.37 -1.27 26.36
CA ASN B 235 9.60 -0.76 27.49
C ASN B 235 9.70 0.76 27.64
N VAL B 236 9.55 1.45 26.51
CA VAL B 236 9.50 2.89 26.52
C VAL B 236 8.17 3.35 27.12
N VAL B 237 7.28 3.80 26.24
CA VAL B 237 5.89 4.07 26.57
C VAL B 237 5.22 2.85 27.21
N PRO B 238 4.34 3.09 28.17
CA PRO B 238 3.44 2.02 28.62
C PRO B 238 2.27 1.86 27.64
N LEU B 239 2.36 0.87 26.77
CA LEU B 239 1.30 0.63 25.79
C LEU B 239 0.04 0.09 26.46
N SER B 240 -1.10 0.65 26.08
CA SER B 240 -2.38 0.23 26.64
C SER B 240 -2.73 -1.20 26.22
N ASP B 241 -3.70 -1.80 26.92
CA ASP B 241 -4.07 -3.18 26.68
C ASP B 241 -4.61 -3.41 25.27
N LEU B 242 -5.47 -2.52 24.81
CA LEU B 242 -6.05 -2.63 23.47
C LEU B 242 -4.99 -2.43 22.40
N LEU B 243 -4.14 -1.42 22.60
CA LEU B 243 -3.09 -1.11 21.64
C LEU B 243 -2.11 -2.27 21.52
N LEU B 244 -1.83 -2.94 22.63
CA LEU B 244 -0.97 -4.12 22.62
C LEU B 244 -1.57 -5.25 21.80
N GLU B 245 -2.89 -5.42 21.90
CA GLU B 245 -3.57 -6.49 21.18
C GLU B 245 -3.67 -6.17 19.69
N MET B 246 -3.87 -4.90 19.36
CA MET B 246 -3.91 -4.47 17.96
C MET B 246 -2.54 -4.64 17.31
N LEU B 247 -1.51 -4.37 18.10
CA LEU B 247 -0.13 -4.41 17.62
C LEU B 247 0.35 -5.84 17.41
N ASP B 248 -0.04 -6.74 18.31
CA ASP B 248 0.36 -8.14 18.20
C ASP B 248 -0.25 -8.82 16.97
N ALA B 249 -1.34 -8.26 16.47
CA ALA B 249 -1.99 -8.78 15.27
C ALA B 249 -1.06 -8.67 14.06
N HIS B 250 -0.21 -7.65 14.06
CA HIS B 250 0.78 -7.47 13.01
C HIS B 250 2.10 -8.13 13.37
N ARG B 251 2.05 -9.09 14.29
CA ARG B 251 3.23 -9.80 14.79
C ARG B 251 4.28 -8.83 15.33
N HIS C 2 28.90 4.94 -2.42
CA HIS C 2 28.78 4.66 -3.85
C HIS C 2 28.07 3.34 -4.10
N LYS C 3 26.84 3.42 -4.59
CA LYS C 3 26.00 2.25 -4.79
C LYS C 3 26.18 1.63 -6.17
N ILE C 4 25.98 0.32 -6.25
CA ILE C 4 26.01 -0.39 -7.52
C ILE C 4 24.89 0.11 -8.43
N LEU C 5 23.77 0.47 -7.82
CA LEU C 5 22.61 0.99 -8.54
C LEU C 5 22.97 2.23 -9.36
N HIS C 6 23.86 3.07 -8.82
CA HIS C 6 24.30 4.27 -9.52
C HIS C 6 25.01 3.91 -10.82
N ARG C 7 25.91 2.93 -10.75
CA ARG C 7 26.66 2.49 -11.91
C ARG C 7 25.75 1.86 -12.97
N LEU C 8 24.85 0.99 -12.52
CA LEU C 8 24.00 0.24 -13.43
C LEU C 8 23.01 1.13 -14.17
N LEU C 9 22.51 2.16 -13.50
CA LEU C 9 21.58 3.09 -14.11
C LEU C 9 22.24 3.94 -15.20
N GLN C 10 23.56 4.03 -15.16
CA GLN C 10 24.31 4.71 -16.23
C GLN C 10 24.39 3.82 -17.45
N ASP C 11 24.93 2.62 -17.28
CA ASP C 11 25.06 1.63 -18.33
C ASP C 11 25.37 0.26 -17.77
N LYS D 3 -10.55 -11.27 23.03
CA LYS D 3 -9.90 -10.02 22.68
C LYS D 3 -10.73 -8.81 23.11
N ILE D 4 -10.05 -7.70 23.37
CA ILE D 4 -10.72 -6.46 23.71
C ILE D 4 -11.51 -5.94 22.52
N LEU D 5 -10.90 -6.00 21.35
CA LEU D 5 -11.52 -5.53 20.11
C LEU D 5 -12.81 -6.29 19.80
N HIS D 6 -12.77 -7.61 19.96
CA HIS D 6 -13.95 -8.44 19.73
C HIS D 6 -15.06 -8.10 20.72
N ARG D 7 -14.68 -7.77 21.95
CA ARG D 7 -15.65 -7.43 22.98
C ARG D 7 -16.32 -6.10 22.69
N LEU D 8 -15.53 -5.13 22.25
CA LEU D 8 -16.06 -3.79 21.96
C LEU D 8 -16.93 -3.79 20.73
N LEU D 9 -16.65 -4.72 19.82
CA LEU D 9 -17.44 -4.87 18.60
C LEU D 9 -18.78 -5.54 18.89
N GLN D 10 -18.86 -6.26 20.00
CA GLN D 10 -20.10 -6.93 20.39
C GLN D 10 -21.06 -5.99 21.12
N ASP D 11 -20.52 -4.95 21.74
CA ASP D 11 -21.34 -4.00 22.48
C ASP D 11 -22.19 -3.15 21.54
#